data_7NY6
#
_entry.id   7NY6
#
_cell.length_a   41.030
_cell.length_b   44.071
_cell.length_c   44.860
_cell.angle_alpha   90.00
_cell.angle_beta   92.36
_cell.angle_gamma   90.00
#
_symmetry.space_group_name_H-M   'P 1 21 1'
#
loop_
_entity.id
_entity.type
_entity.pdbx_description
1 polymer 'Histone macroH2A1.1'
2 non-polymer 1,2-ETHANEDIOL
3 non-polymer DI(HYDROXYETHYL)ETHER
4 water water
#
_entity_poly.entity_id   1
_entity_poly.type   'polypeptide(L)'
_entity_poly.pdbx_seq_one_letter_code
;MKHHHHHHPMSDYDIPTTENLYFQGFTILSKKTLHLGQTLYVVNGDLTEVRCDAVVHPTNGTMSFAGQVGGAIRAAAGAG
VDAEVNSYMSEHSQLQVTKAAITSGHNLPSKWIVHVHSPNYSNAATATDALTQTIRNALTLADTKSIKTIAFPSIGSGNN
HFPKHIAAQTILQAISAYFMSIMSSSIKEVYFVLFDQESINVYNAELINTN
;
_entity_poly.pdbx_strand_id   A
#
loop_
_chem_comp.id
_chem_comp.type
_chem_comp.name
_chem_comp.formula
EDO non-polymer 1,2-ETHANEDIOL 'C2 H6 O2'
PEG non-polymer DI(HYDROXYETHYL)ETHER 'C4 H10 O3'
#
# COMPACT_ATOMS: atom_id res chain seq x y z
N PHE A 23 1.01 18.33 -9.78
CA PHE A 23 0.29 18.51 -11.05
C PHE A 23 -1.23 18.61 -10.85
N GLN A 24 -1.87 17.46 -10.60
CA GLN A 24 -3.32 17.44 -10.49
C GLN A 24 -3.80 17.97 -9.14
N GLY A 25 -3.06 17.68 -8.06
CA GLY A 25 -3.47 18.09 -6.73
C GLY A 25 -4.22 16.98 -6.01
N PHE A 26 -4.63 17.31 -4.78
CA PHE A 26 -5.21 16.32 -3.88
C PHE A 26 -6.34 16.93 -3.07
N THR A 27 -7.28 16.09 -2.67
N THR A 27 -7.23 16.06 -2.62
CA THR A 27 -8.29 16.48 -1.70
CA THR A 27 -8.30 16.45 -1.73
C THR A 27 -8.31 15.48 -0.56
C THR A 27 -8.31 15.46 -0.56
N ILE A 28 -8.38 15.97 0.67
CA ILE A 28 -8.41 15.15 1.87
C ILE A 28 -9.86 14.97 2.27
N LEU A 29 -10.38 13.76 2.11
CA LEU A 29 -11.79 13.61 2.33
C LEU A 29 -12.04 13.19 3.80
N SER A 30 -11.11 12.43 4.39
CA SER A 30 -11.17 12.04 5.79
C SER A 30 -9.79 11.92 6.38
N LYS A 31 -9.69 12.21 7.66
CA LYS A 31 -8.49 12.03 8.46
C LYS A 31 -8.91 11.46 9.80
N LYS A 32 -8.15 10.48 10.29
CA LYS A 32 -8.46 9.91 11.60
C LYS A 32 -7.18 9.43 12.27
N THR A 33 -7.03 9.79 13.53
CA THR A 33 -5.88 9.40 14.32
C THR A 33 -6.22 8.18 15.15
N LEU A 34 -5.34 7.20 15.10
CA LEU A 34 -5.51 5.96 15.81
C LEU A 34 -5.08 6.13 17.26
N HIS A 35 -5.29 5.08 18.05
CA HIS A 35 -5.11 5.18 19.50
C HIS A 35 -3.81 5.87 19.89
N LEU A 36 -2.70 5.39 19.34
CA LEU A 36 -1.37 5.85 19.76
C LEU A 36 -0.77 6.84 18.77
N GLY A 37 -1.62 7.51 17.99
CA GLY A 37 -1.23 8.75 17.36
C GLY A 37 -0.87 8.70 15.90
N GLN A 38 -0.91 7.54 15.27
CA GLN A 38 -0.71 7.45 13.83
C GLN A 38 -1.97 7.94 13.13
N THR A 39 -1.83 8.67 12.03
CA THR A 39 -2.96 9.28 11.37
C THR A 39 -3.13 8.71 9.98
N LEU A 40 -4.36 8.27 9.69
CA LEU A 40 -4.75 7.73 8.40
C LEU A 40 -5.56 8.79 7.67
N TYR A 41 -5.33 8.86 6.37
CA TYR A 41 -6.00 9.83 5.52
C TYR A 41 -6.59 9.13 4.32
N VAL A 42 -7.81 9.53 3.95
CA VAL A 42 -8.40 9.14 2.68
C VAL A 42 -8.29 10.36 1.79
N VAL A 43 -7.56 10.23 0.68
CA VAL A 43 -7.23 11.32 -0.21
C VAL A 43 -7.58 10.93 -1.64
N ASN A 44 -8.12 11.89 -2.40
CA ASN A 44 -8.29 11.72 -3.83
C ASN A 44 -7.11 12.33 -4.56
N GLY A 45 -6.47 11.54 -5.41
CA GLY A 45 -5.41 12.06 -6.26
C GLY A 45 -4.63 10.91 -6.88
N ASP A 46 -3.44 11.26 -7.36
CA ASP A 46 -2.51 10.36 -8.06
C ASP A 46 -1.45 9.89 -7.08
N LEU A 47 -1.45 8.58 -6.81
CA LEU A 47 -0.46 7.99 -5.91
C LEU A 47 0.98 8.40 -6.25
N THR A 48 1.30 8.53 -7.53
CA THR A 48 2.68 8.81 -7.93
C THR A 48 3.06 10.28 -7.77
N GLU A 49 2.13 11.11 -7.32
CA GLU A 49 2.40 12.52 -7.12
C GLU A 49 2.59 12.88 -5.64
N VAL A 50 2.35 11.93 -4.71
CA VAL A 50 2.46 12.22 -3.29
C VAL A 50 3.93 12.30 -2.90
N ARG A 51 4.29 13.31 -2.11
CA ARG A 51 5.63 13.42 -1.57
C ARG A 51 5.60 12.74 -0.22
N CYS A 52 6.12 11.52 -0.16
CA CYS A 52 6.16 10.78 1.08
C CYS A 52 7.38 9.88 1.05
N ASP A 53 7.58 9.16 2.15
CA ASP A 53 8.77 8.31 2.20
C ASP A 53 8.60 7.06 1.35
N ALA A 54 7.39 6.54 1.22
CA ALA A 54 7.20 5.31 0.48
C ALA A 54 5.83 5.24 -0.16
N VAL A 55 5.77 4.59 -1.32
CA VAL A 55 4.52 4.23 -1.95
C VAL A 55 4.46 2.71 -2.06
N VAL A 56 3.25 2.17 -1.99
CA VAL A 56 3.04 0.72 -2.05
C VAL A 56 2.65 0.33 -3.47
N HIS A 57 3.32 -0.69 -3.99
CA HIS A 57 3.08 -1.22 -5.34
C HIS A 57 2.57 -2.64 -5.20
N PRO A 58 1.26 -2.88 -5.37
CA PRO A 58 0.76 -4.25 -5.36
C PRO A 58 1.14 -4.96 -6.65
N THR A 59 1.71 -6.16 -6.51
CA THR A 59 2.33 -6.83 -7.64
C THR A 59 2.19 -8.33 -7.48
N ASN A 60 2.84 -9.07 -8.39
CA ASN A 60 2.78 -10.51 -8.39
C ASN A 60 4.17 -11.05 -8.10
N GLY A 61 4.36 -12.35 -8.33
CA GLY A 61 5.60 -12.96 -7.92
C GLY A 61 6.81 -12.52 -8.73
N THR A 62 6.58 -12.09 -9.97
CA THR A 62 7.65 -11.56 -10.81
C THR A 62 7.78 -10.05 -10.71
N MET A 63 7.09 -9.43 -9.74
CA MET A 63 7.22 -8.00 -9.52
C MET A 63 6.94 -7.16 -10.76
N SER A 64 5.92 -7.55 -11.50
CA SER A 64 5.57 -6.81 -12.71
C SER A 64 4.88 -5.50 -12.39
N PHE A 65 4.99 -4.55 -13.31
CA PHE A 65 4.25 -3.28 -13.24
C PHE A 65 3.14 -3.43 -14.25
N ALA A 66 1.94 -3.77 -13.77
CA ALA A 66 0.81 -4.07 -14.63
C ALA A 66 -0.43 -3.40 -14.04
N GLY A 67 -1.38 -3.08 -14.91
CA GLY A 67 -2.60 -2.43 -14.48
C GLY A 67 -2.48 -0.92 -14.37
N GLN A 68 -3.55 -0.31 -13.87
CA GLN A 68 -3.60 1.15 -13.78
C GLN A 68 -2.55 1.68 -12.81
N VAL A 69 -2.54 1.17 -11.58
CA VAL A 69 -1.61 1.67 -10.57
C VAL A 69 -0.16 1.31 -10.93
N GLY A 70 0.08 0.03 -11.25
CA GLY A 70 1.44 -0.40 -11.53
C GLY A 70 2.02 0.29 -12.75
N GLY A 71 1.20 0.49 -13.77
CA GLY A 71 1.66 1.23 -14.93
C GLY A 71 1.99 2.67 -14.60
N ALA A 72 1.18 3.31 -13.76
CA ALA A 72 1.48 4.69 -13.40
C ALA A 72 2.77 4.79 -12.58
N ILE A 73 2.97 3.88 -11.64
CA ILE A 73 4.18 3.88 -10.83
C ILE A 73 5.41 3.76 -11.72
N ARG A 74 5.38 2.80 -12.65
CA ARG A 74 6.52 2.61 -13.53
C ARG A 74 6.75 3.82 -14.42
N ALA A 75 5.67 4.41 -14.96
CA ALA A 75 5.82 5.61 -15.78
C ALA A 75 6.51 6.71 -15.00
N ALA A 76 6.06 6.93 -13.77
CA ALA A 76 6.61 8.02 -12.97
C ALA A 76 8.00 7.71 -12.44
N ALA A 77 8.27 6.45 -12.12
CA ALA A 77 9.58 6.09 -11.61
C ALA A 77 10.64 6.09 -12.70
N GLY A 78 10.24 5.74 -13.91
CA GLY A 78 11.17 5.67 -15.03
C GLY A 78 11.75 4.28 -15.18
N ALA A 79 12.38 4.09 -16.33
CA ALA A 79 12.93 2.79 -16.69
C ALA A 79 14.04 2.35 -15.75
N GLY A 80 14.58 3.27 -14.94
CA GLY A 80 15.60 2.89 -13.99
C GLY A 80 15.12 1.87 -12.96
N VAL A 81 13.83 1.90 -12.62
CA VAL A 81 13.30 0.96 -11.65
C VAL A 81 13.34 -0.46 -12.18
N ASP A 82 13.28 -0.63 -13.50
CA ASP A 82 13.29 -1.98 -14.08
C ASP A 82 14.58 -2.67 -13.72
N ALA A 83 15.72 -1.99 -13.91
CA ALA A 83 17.00 -2.57 -13.58
C ALA A 83 17.06 -3.00 -12.13
N GLU A 84 16.57 -2.17 -11.23
CA GLU A 84 16.65 -2.49 -9.81
C GLU A 84 15.75 -3.66 -9.44
N VAL A 85 14.54 -3.71 -10.01
CA VAL A 85 13.66 -4.84 -9.74
C VAL A 85 14.23 -6.13 -10.33
N ASN A 86 14.73 -6.07 -11.57
CA ASN A 86 15.34 -7.26 -12.16
C ASN A 86 16.53 -7.76 -11.33
N SER A 87 17.36 -6.85 -10.84
CA SER A 87 18.48 -7.24 -9.99
C SER A 87 17.99 -7.83 -8.68
N TYR A 88 16.92 -7.25 -8.11
CA TYR A 88 16.37 -7.79 -6.88
C TYR A 88 15.97 -9.23 -7.07
N MET A 89 15.33 -9.54 -8.19
CA MET A 89 14.98 -10.93 -8.44
C MET A 89 16.20 -11.82 -8.69
N SER A 90 17.27 -11.30 -9.29
CA SER A 90 18.50 -12.09 -9.43
C SER A 90 19.02 -12.51 -8.06
N GLU A 91 18.96 -11.62 -7.07
CA GLU A 91 19.46 -11.90 -5.73
C GLU A 91 18.46 -12.59 -4.80
N HIS A 92 17.15 -12.40 -5.01
CA HIS A 92 16.15 -12.82 -4.02
C HIS A 92 15.07 -13.72 -4.60
N SER A 93 15.14 -14.06 -5.88
CA SER A 93 14.12 -14.84 -6.55
C SER A 93 12.77 -14.12 -6.54
N GLN A 94 11.68 -14.86 -6.78
CA GLN A 94 10.36 -14.25 -6.88
C GLN A 94 9.88 -13.79 -5.51
N LEU A 95 8.93 -12.85 -5.54
CA LEU A 95 8.29 -12.32 -4.35
C LEU A 95 7.13 -13.23 -3.97
N GLN A 96 7.26 -13.93 -2.86
CA GLN A 96 6.24 -14.89 -2.47
C GLN A 96 4.97 -14.17 -1.99
N VAL A 97 3.84 -14.87 -2.11
CA VAL A 97 2.56 -14.31 -1.72
C VAL A 97 2.62 -13.87 -0.26
N THR A 98 2.03 -12.70 0.00
CA THR A 98 2.01 -11.92 1.24
C THR A 98 3.30 -11.19 1.52
N LYS A 99 4.37 -11.44 0.79
CA LYS A 99 5.65 -10.87 1.19
C LYS A 99 5.86 -9.50 0.53
N ALA A 100 6.80 -8.74 1.12
CA ALA A 100 7.11 -7.40 0.65
C ALA A 100 8.59 -7.29 0.33
N ALA A 101 8.92 -6.32 -0.53
CA ALA A 101 10.29 -5.98 -0.87
C ALA A 101 10.38 -4.49 -1.17
N ILE A 102 11.50 -3.88 -0.81
CA ILE A 102 11.68 -2.44 -1.02
C ILE A 102 12.72 -2.21 -2.12
N THR A 103 12.42 -1.26 -3.01
CA THR A 103 13.41 -0.72 -3.93
C THR A 103 13.33 0.80 -3.85
N SER A 104 14.30 1.47 -4.43
CA SER A 104 14.24 2.92 -4.52
C SER A 104 13.12 3.35 -5.46
N GLY A 105 12.64 4.58 -5.26
CA GLY A 105 11.61 5.14 -6.08
C GLY A 105 12.08 5.80 -7.35
N HIS A 106 13.39 5.91 -7.57
CA HIS A 106 13.93 6.59 -8.75
C HIS A 106 13.27 7.95 -8.96
N ASN A 107 12.61 8.17 -10.09
CA ASN A 107 12.08 9.49 -10.39
C ASN A 107 10.77 9.81 -9.67
N LEU A 108 10.23 8.87 -8.90
CA LEU A 108 9.07 9.16 -8.07
C LEU A 108 9.44 10.21 -7.02
N PRO A 109 8.48 11.02 -6.58
CA PRO A 109 8.78 11.96 -5.50
C PRO A 109 8.85 11.29 -4.14
N SER A 110 8.46 10.03 -4.04
CA SER A 110 8.65 9.23 -2.84
C SER A 110 9.96 8.45 -2.90
N LYS A 111 10.58 8.28 -1.74
CA LYS A 111 11.94 7.76 -1.66
C LYS A 111 11.99 6.26 -1.98
N TRP A 112 11.01 5.49 -1.50
CA TRP A 112 11.01 4.04 -1.65
C TRP A 112 9.70 3.56 -2.27
N ILE A 113 9.78 2.41 -2.94
CA ILE A 113 8.61 1.63 -3.34
C ILE A 113 8.58 0.38 -2.48
N VAL A 114 7.45 0.12 -1.82
CA VAL A 114 7.23 -1.13 -1.10
C VAL A 114 6.38 -2.01 -2.00
N HIS A 115 7.01 -3.02 -2.61
CA HIS A 115 6.30 -3.95 -3.47
C HIS A 115 5.69 -5.05 -2.60
N VAL A 116 4.42 -5.36 -2.85
CA VAL A 116 3.73 -6.37 -2.05
C VAL A 116 3.03 -7.34 -2.97
N HIS A 117 3.12 -8.62 -2.65
CA HIS A 117 2.44 -9.66 -3.43
C HIS A 117 1.14 -9.99 -2.72
N SER A 118 0.07 -9.32 -3.11
CA SER A 118 -1.19 -9.58 -2.45
C SER A 118 -1.81 -10.89 -2.95
N PRO A 119 -2.56 -11.56 -2.10
CA PRO A 119 -3.27 -12.76 -2.53
C PRO A 119 -4.46 -12.43 -3.41
N ASN A 120 -4.90 -13.46 -4.10
CA ASN A 120 -6.20 -13.39 -4.75
C ASN A 120 -7.29 -13.74 -3.75
N TYR A 121 -8.45 -13.15 -3.99
CA TYR A 121 -9.63 -13.52 -3.25
C TYR A 121 -9.98 -14.95 -3.62
N SER A 122 -10.49 -15.68 -2.64
CA SER A 122 -10.94 -17.05 -2.85
C SER A 122 -12.08 -17.30 -1.87
N ASN A 123 -12.86 -18.34 -2.15
CA ASN A 123 -13.98 -18.66 -1.28
C ASN A 123 -13.49 -19.40 -0.05
N ALA A 124 -12.71 -18.69 0.76
CA ALA A 124 -12.18 -19.22 2.00
C ALA A 124 -11.76 -18.05 2.86
N ALA A 125 -11.98 -18.17 4.17
CA ALA A 125 -11.42 -17.20 5.12
C ALA A 125 -9.91 -17.00 4.96
N THR A 126 -9.19 -17.97 4.40
CA THR A 126 -7.74 -17.82 4.24
C THR A 126 -7.38 -16.64 3.34
N ALA A 127 -8.31 -16.20 2.48
CA ALA A 127 -8.00 -15.08 1.60
C ALA A 127 -7.89 -13.79 2.40
N THR A 128 -8.80 -13.57 3.35
CA THR A 128 -8.66 -12.38 4.17
C THR A 128 -7.46 -12.48 5.11
N ASP A 129 -7.16 -13.67 5.66
CA ASP A 129 -5.97 -13.81 6.51
C ASP A 129 -4.70 -13.43 5.74
N ALA A 130 -4.58 -13.90 4.50
CA ALA A 130 -3.39 -13.61 3.71
C ALA A 130 -3.27 -12.13 3.41
N LEU A 131 -4.41 -11.47 3.18
CA LEU A 131 -4.37 -10.03 2.93
C LEU A 131 -3.93 -9.30 4.20
N THR A 132 -4.45 -9.70 5.37
CA THR A 132 -3.95 -9.14 6.62
C THR A 132 -2.43 -9.28 6.74
N GLN A 133 -1.91 -10.45 6.41
CA GLN A 133 -0.48 -10.67 6.55
C GLN A 133 0.31 -9.85 5.56
N THR A 134 -0.23 -9.66 4.35
CA THR A 134 0.43 -8.79 3.36
C THR A 134 0.61 -7.39 3.94
N ILE A 135 -0.44 -6.85 4.55
CA ILE A 135 -0.35 -5.50 5.08
C ILE A 135 0.63 -5.45 6.24
N ARG A 136 0.50 -6.41 7.16
CA ARG A 136 1.45 -6.48 8.26
C ARG A 136 2.89 -6.55 7.74
N ASN A 137 3.14 -7.38 6.72
CA ASN A 137 4.50 -7.50 6.23
C ASN A 137 4.98 -6.20 5.58
N ALA A 138 4.10 -5.50 4.88
CA ALA A 138 4.50 -4.25 4.27
C ALA A 138 4.89 -3.22 5.33
N LEU A 139 4.09 -3.13 6.39
CA LEU A 139 4.38 -2.16 7.44
C LEU A 139 5.65 -2.53 8.18
N THR A 140 5.83 -3.82 8.48
CA THR A 140 7.04 -4.24 9.16
C THR A 140 8.29 -3.90 8.37
N LEU A 141 8.25 -4.17 7.06
CA LEU A 141 9.40 -3.83 6.23
C LEU A 141 9.61 -2.33 6.17
N ALA A 142 8.53 -1.56 6.07
CA ALA A 142 8.66 -0.10 6.06
C ALA A 142 9.36 0.40 7.32
N ASP A 143 8.98 -0.12 8.49
CA ASP A 143 9.71 0.22 9.72
C ASP A 143 11.21 -0.01 9.66
N THR A 144 11.65 -1.07 8.96
CA THR A 144 13.10 -1.33 8.88
C THR A 144 13.84 -0.20 8.20
N LYS A 145 13.16 0.61 7.38
CA LYS A 145 13.75 1.76 6.73
C LYS A 145 13.47 3.07 7.45
N SER A 146 12.86 3.02 8.61
CA SER A 146 12.45 4.22 9.33
C SER A 146 11.55 5.12 8.49
N ILE A 147 10.71 4.51 7.66
CA ILE A 147 9.71 5.25 6.89
C ILE A 147 8.72 5.89 7.86
N LYS A 148 8.51 7.20 7.68
CA LYS A 148 7.57 8.02 8.40
C LYS A 148 6.20 8.26 7.76
N THR A 149 6.15 8.20 6.46
CA THR A 149 4.90 8.48 5.75
C THR A 149 4.84 7.50 4.59
N ILE A 150 3.67 6.92 4.37
CA ILE A 150 3.51 5.85 3.40
C ILE A 150 2.15 5.99 2.73
N ALA A 151 2.11 5.82 1.41
CA ALA A 151 0.93 5.99 0.60
C ALA A 151 0.54 4.65 -0.02
N PHE A 152 -0.69 4.28 0.17
CA PHE A 152 -1.28 3.06 -0.35
C PHE A 152 -2.31 3.37 -1.43
N PRO A 153 -2.33 2.64 -2.52
CA PRO A 153 -3.53 2.62 -3.36
C PRO A 153 -4.57 1.72 -2.74
N SER A 154 -5.68 1.50 -3.43
CA SER A 154 -6.62 0.47 -3.03
C SER A 154 -6.05 -0.90 -3.39
N ILE A 155 -5.73 -1.71 -2.39
CA ILE A 155 -5.14 -3.03 -2.61
C ILE A 155 -6.23 -4.08 -2.57
N GLY A 156 -6.11 -5.07 -3.45
CA GLY A 156 -6.91 -6.26 -3.36
C GLY A 156 -8.14 -6.23 -4.23
N SER A 157 -8.65 -5.04 -4.51
CA SER A 157 -9.71 -4.85 -5.46
C SER A 157 -9.09 -4.61 -6.82
N GLY A 158 -9.69 -5.18 -7.85
CA GLY A 158 -9.03 -5.25 -9.13
C GLY A 158 -8.65 -6.69 -9.42
N ASN A 159 -7.45 -6.92 -9.98
CA ASN A 159 -7.08 -8.25 -10.43
C ASN A 159 -7.18 -9.31 -9.33
N ASN A 160 -7.02 -8.91 -8.06
CA ASN A 160 -7.07 -9.91 -7.00
C ASN A 160 -8.51 -10.21 -6.59
N HIS A 161 -9.46 -9.37 -7.01
CA HIS A 161 -10.89 -9.67 -6.99
C HIS A 161 -11.53 -9.61 -5.61
N PHE A 162 -10.88 -9.01 -4.61
CA PHE A 162 -11.55 -8.84 -3.33
C PHE A 162 -12.71 -7.85 -3.48
N PRO A 163 -13.87 -8.15 -2.91
CA PRO A 163 -14.93 -7.13 -2.82
C PRO A 163 -14.37 -5.90 -2.11
N LYS A 164 -14.84 -4.71 -2.50
CA LYS A 164 -14.14 -3.52 -2.03
C LYS A 164 -14.25 -3.35 -0.53
N HIS A 165 -15.45 -3.55 0.04
CA HIS A 165 -15.60 -3.33 1.46
C HIS A 165 -14.79 -4.34 2.26
N ILE A 166 -14.80 -5.61 1.87
CA ILE A 166 -14.02 -6.62 2.58
C ILE A 166 -12.54 -6.28 2.54
N ALA A 167 -12.05 -5.83 1.38
CA ALA A 167 -10.64 -5.47 1.28
C ALA A 167 -10.31 -4.29 2.17
N ALA A 168 -11.11 -3.24 2.12
CA ALA A 168 -10.82 -2.06 2.94
C ALA A 168 -10.87 -2.41 4.43
N GLN A 169 -11.89 -3.14 4.87
CA GLN A 169 -11.98 -3.54 6.26
C GLN A 169 -10.73 -4.30 6.68
N THR A 170 -10.34 -5.28 5.86
CA THR A 170 -9.20 -6.12 6.21
C THR A 170 -7.94 -5.28 6.34
N ILE A 171 -7.74 -4.38 5.37
CA ILE A 171 -6.53 -3.57 5.34
C ILE A 171 -6.51 -2.60 6.51
N LEU A 172 -7.61 -1.88 6.74
CA LEU A 172 -7.61 -0.88 7.81
C LEU A 172 -7.45 -1.55 9.17
N GLN A 173 -8.11 -2.70 9.38
CA GLN A 173 -7.97 -3.41 10.65
C GLN A 173 -6.56 -3.93 10.84
N ALA A 174 -5.91 -4.35 9.76
CA ALA A 174 -4.53 -4.82 9.84
C ALA A 174 -3.60 -3.68 10.25
N ILE A 175 -3.84 -2.48 9.74
CA ILE A 175 -3.02 -1.33 10.12
C ILE A 175 -3.25 -0.96 11.58
N SER A 176 -4.52 -0.86 11.99
CA SER A 176 -4.82 -0.59 13.40
C SER A 176 -4.17 -1.63 14.32
N ALA A 177 -4.26 -2.90 13.94
CA ALA A 177 -3.71 -3.95 14.78
C ALA A 177 -2.19 -3.90 14.79
N TYR A 178 -1.57 -3.57 13.65
CA TYR A 178 -0.12 -3.47 13.62
C TYR A 178 0.38 -2.51 14.69
N PHE A 179 -0.19 -1.31 14.74
CA PHE A 179 0.34 -0.31 15.66
C PHE A 179 0.10 -0.69 17.10
N MET A 180 -0.84 -1.58 17.38
CA MET A 180 -1.05 -2.07 18.74
C MET A 180 -0.31 -3.36 19.03
N SER A 181 0.58 -3.78 18.14
CA SER A 181 1.30 -5.04 18.28
C SER A 181 2.81 -4.90 18.29
N ILE A 182 3.34 -3.68 18.37
CA ILE A 182 4.76 -3.39 18.34
C ILE A 182 5.09 -2.42 19.46
N MET A 183 6.34 -2.42 19.88
CA MET A 183 6.75 -1.41 20.87
C MET A 183 6.57 0.00 20.35
N SER A 184 7.07 0.26 19.15
CA SER A 184 7.01 1.58 18.57
C SER A 184 7.22 1.43 17.08
N SER A 185 6.84 2.46 16.37
CA SER A 185 6.97 2.48 14.92
C SER A 185 7.41 3.86 14.48
N SER A 186 8.20 3.88 13.39
CA SER A 186 8.53 5.13 12.75
C SER A 186 7.34 5.70 11.96
N ILE A 187 6.37 4.87 11.60
CA ILE A 187 5.32 5.30 10.69
C ILE A 187 4.35 6.21 11.43
N LYS A 188 4.20 7.44 10.95
CA LYS A 188 3.34 8.43 11.56
C LYS A 188 2.09 8.75 10.76
N GLU A 189 2.14 8.57 9.44
CA GLU A 189 1.02 8.93 8.58
C GLU A 189 0.90 7.90 7.48
N VAL A 190 -0.33 7.43 7.22
CA VAL A 190 -0.67 6.49 6.17
C VAL A 190 -1.72 7.18 5.31
N TYR A 191 -1.47 7.27 4.00
CA TYR A 191 -2.39 7.91 3.06
C TYR A 191 -2.96 6.83 2.15
N PHE A 192 -4.28 6.74 2.06
CA PHE A 192 -4.97 5.96 1.04
C PHE A 192 -5.30 6.91 -0.09
N VAL A 193 -4.60 6.75 -1.22
CA VAL A 193 -4.68 7.68 -2.33
C VAL A 193 -5.49 6.96 -3.39
N LEU A 194 -6.73 7.40 -3.58
CA LEU A 194 -7.74 6.71 -4.35
C LEU A 194 -8.18 7.58 -5.52
N PHE A 195 -8.46 6.96 -6.65
CA PHE A 195 -8.75 7.75 -7.83
C PHE A 195 -10.23 7.76 -8.24
N ASP A 196 -11.10 7.02 -7.57
CA ASP A 196 -12.52 6.99 -7.92
C ASP A 196 -13.40 7.20 -6.70
N GLN A 197 -14.56 7.82 -6.93
CA GLN A 197 -15.46 8.13 -5.83
C GLN A 197 -15.94 6.86 -5.13
N GLU A 198 -16.14 5.77 -5.87
CA GLU A 198 -16.59 4.53 -5.25
C GLU A 198 -15.61 4.08 -4.18
N SER A 199 -14.31 4.08 -4.49
CA SER A 199 -13.36 3.59 -3.50
C SER A 199 -13.18 4.58 -2.36
N ILE A 200 -13.31 5.88 -2.63
CA ILE A 200 -13.33 6.88 -1.57
C ILE A 200 -14.46 6.60 -0.59
N ASN A 201 -15.65 6.34 -1.13
CA ASN A 201 -16.79 6.09 -0.25
C ASN A 201 -16.54 4.86 0.62
N VAL A 202 -15.97 3.79 0.03
CA VAL A 202 -15.69 2.58 0.79
C VAL A 202 -14.71 2.88 1.92
N TYR A 203 -13.59 3.51 1.60
CA TYR A 203 -12.60 3.78 2.64
C TYR A 203 -13.13 4.77 3.69
N ASN A 204 -13.87 5.79 3.26
CA ASN A 204 -14.44 6.71 4.24
C ASN A 204 -15.33 5.96 5.23
N ALA A 205 -16.18 5.07 4.71
CA ALA A 205 -17.08 4.31 5.58
C ALA A 205 -16.31 3.41 6.54
N GLU A 206 -15.28 2.72 6.05
CA GLU A 206 -14.58 1.79 6.93
C GLU A 206 -13.65 2.49 7.91
N LEU A 207 -13.16 3.67 7.58
CA LEU A 207 -12.31 4.39 8.52
C LEU A 207 -13.06 4.74 9.80
N ILE A 208 -14.36 4.94 9.71
CA ILE A 208 -15.15 5.23 10.90
C ILE A 208 -15.03 4.11 11.92
N ASN A 209 -14.91 2.87 11.47
CA ASN A 209 -14.75 1.72 12.34
C ASN A 209 -13.30 1.35 12.63
N THR A 210 -12.34 2.20 12.29
CA THR A 210 -10.92 1.93 12.50
C THR A 210 -10.42 2.82 13.61
N ASN A 211 -9.85 2.22 14.65
CA ASN A 211 -9.44 3.01 15.80
C ASN A 211 -8.01 2.81 16.25
C1 EDO B . 3.92 1.85 -17.64
O1 EDO B . 4.49 0.57 -17.99
C2 EDO B . 4.99 2.94 -17.64
O2 EDO B . 5.84 2.81 -18.78
H11 EDO B . 3.46 1.78 -16.65
H12 EDO B . 3.13 2.10 -18.35
HO1 EDO B . 3.80 -0.09 -18.08
H21 EDO B . 5.58 2.85 -16.73
H22 EDO B . 4.51 3.91 -17.65
HO2 EDO B . 5.70 3.56 -19.37
C1 EDO C . -2.20 -5.72 -11.28
O1 EDO C . -3.47 -5.08 -11.03
C2 EDO C . -1.35 -5.69 -10.02
O2 EDO C . -2.06 -6.29 -8.92
H11 EDO C . -1.69 -5.20 -12.09
H12 EDO C . -2.37 -6.75 -11.59
HO1 EDO C . -4.00 -5.11 -11.84
H21 EDO C . -1.10 -4.66 -9.77
H22 EDO C . -0.42 -6.23 -10.19
HO2 EDO C . -1.64 -7.13 -8.70
C1 EDO D . -5.66 -5.52 -6.64
O1 EDO D . -5.89 -6.61 -7.54
C2 EDO D . -4.23 -5.51 -6.13
O2 EDO D . -4.02 -4.30 -5.44
H11 EDO D . -6.35 -5.60 -5.79
H12 EDO D . -5.88 -4.58 -7.14
HO1 EDO D . -6.84 -6.70 -7.69
H21 EDO D . -3.53 -5.60 -6.97
H22 EDO D . -4.05 -6.37 -5.47
HO2 EDO D . -3.85 -4.48 -4.51
C1 EDO E . 10.96 -7.04 7.09
O1 EDO E . 12.38 -6.84 7.02
C2 EDO E . 10.55 -7.30 8.53
O2 EDO E . 11.33 -8.39 9.08
H11 EDO E . 10.67 -7.89 6.47
H12 EDO E . 10.45 -6.16 6.72
HO1 EDO E . 12.64 -6.65 6.10
H21 EDO E . 9.50 -7.56 8.57
H22 EDO E . 10.71 -6.41 9.13
HO2 EDO E . 10.74 -9.11 9.33
C1 EDO F . 2.37 2.07 18.51
O1 EDO F . 3.27 1.01 18.88
C2 EDO F . 2.74 3.32 19.31
O2 EDO F . 4.02 3.74 18.86
H11 EDO F . 1.34 1.79 18.71
H12 EDO F . 2.45 2.28 17.45
HO1 EDO F . 3.15 0.27 18.27
H21 EDO F . 2.76 3.10 20.38
H22 EDO F . 2.00 4.11 19.15
HO2 EDO F . 3.93 4.20 18.02
C1 PEG G . 11.15 11.94 0.35
O1 PEG G . 10.47 11.31 -0.71
C2 PEG G . 10.60 11.44 1.68
O2 PEG G . 9.25 11.84 1.80
C3 PEG G . 9.06 13.01 2.54
C4 PEG G . 7.65 13.54 2.32
O4 PEG G . 7.52 14.82 2.86
H11 PEG G . 11.03 12.89 0.28
H12 PEG G . 12.09 11.72 0.29
HO1 PEG G . 10.72 11.66 -1.45
H21 PEG G . 11.11 11.83 2.40
H22 PEG G . 10.65 10.47 1.71
H31 PEG G . 9.70 13.68 2.24
H32 PEG G . 9.20 12.83 3.48
H41 PEG G . 7.01 12.94 2.76
H42 PEG G . 7.45 13.55 1.37
HO4 PEG G . 6.72 15.10 2.74
C1 EDO H . -0.99 -12.93 -7.54
O1 EDO H . -0.84 -13.70 -8.75
C2 EDO H . -1.47 -13.81 -6.39
O2 EDO H . -0.56 -14.93 -6.26
H11 EDO H . -1.72 -12.14 -7.71
H12 EDO H . -0.04 -12.47 -7.28
HO1 EDO H . -0.48 -13.13 -9.45
H21 EDO H . -2.48 -14.17 -6.56
H22 EDO H . -1.48 -13.24 -5.45
HO2 EDO H . 0.01 -14.81 -5.50
C1 EDO I . -19.63 3.47 -3.78
O1 EDO I . -20.59 4.20 -3.02
C2 EDO I . -18.77 2.58 -2.86
O2 EDO I . -19.60 1.61 -2.23
H11 EDO I . -18.99 4.15 -4.34
H12 EDO I . -20.15 2.83 -4.50
HO1 EDO I . -20.15 4.97 -2.62
H21 EDO I . -18.29 3.21 -2.11
H22 EDO I . -17.99 2.10 -3.44
HO2 EDO I . -19.70 0.86 -2.82
#